data_3V9V
#
_entry.id   3V9V
#
_cell.length_a   38.910
_cell.length_b   54.516
_cell.length_c   66.543
_cell.angle_alpha   90.00
_cell.angle_beta   91.89
_cell.angle_gamma   90.00
#
_symmetry.space_group_name_H-M   'P 1 21 1'
#
loop_
_entity.id
_entity.type
_entity.pdbx_description
1 polymer 'Peroxisome proliferator-activated receptor gamma'
2 polymer 'Peptide from Peroxisome proliferator-activated receptor gamma coactivator 1-alpha'
3 non-polymer 'methyl 3-{4-[({[(9aS)-8-acetyl-1,7-dihydroxy-3-methoxy-9a-methyl-9-oxo-9,9a-dihydrodibenzo[b,d]furan-4-yl]carbonyl}amino)methyl]naphthalen-2-yl}propanoate'
4 water water
#
loop_
_entity_poly.entity_id
_entity_poly.type
_entity_poly.pdbx_seq_one_letter_code
_entity_poly.pdbx_strand_id
1 'polypeptide(L)'
;MRGSHHHHHHGPESADLRALAKHLYDSYIKSFPLTKAKARAILTGKTTDKSPFVIYDMNSLMMGEDKIKFKHITPLQEQS
KEVAIRIFQGCQFRSVEAVQEITEYAKSIPGFVNLDLNDQVTLLKYGVHEIIYTMLASLMNKDGVLISEGQGFMTREFLK
SLRKPFGDFMEPKFEFAVKFNALELDDSDLAIFIAVIILSGDRPGLLNVKPIEDIQDNLLQALELQLKLNHPESSQLFAK
LLQKMTDLRQIVTEHVQLLQVIKKTETDMSLHPLLQEIYKDLY
;
A
2 'polypeptide(L)' QEAEEPSLLKKLLLAPANT C
#
# COMPACT_ATOMS: atom_id res chain seq x y z
N GLU A 13 21.24 12.70 -18.61
CA GLU A 13 20.85 12.29 -17.22
C GLU A 13 19.35 12.44 -17.01
N SER A 14 18.82 13.61 -17.32
CA SER A 14 17.39 13.89 -17.14
C SER A 14 16.53 12.98 -18.02
N ALA A 15 16.94 12.80 -19.28
CA ALA A 15 16.25 11.88 -20.18
C ALA A 15 16.17 10.47 -19.61
N ASP A 16 17.28 10.01 -19.03
CA ASP A 16 17.32 8.69 -18.42
C ASP A 16 16.42 8.60 -17.17
N LEU A 17 16.34 9.70 -16.41
CA LEU A 17 15.42 9.75 -15.26
C LEU A 17 13.95 9.65 -15.69
N ARG A 18 13.61 10.24 -16.85
CA ARG A 18 12.26 10.12 -17.38
C ARG A 18 11.98 8.72 -17.89
N ALA A 19 12.98 8.10 -18.52
CA ALA A 19 12.86 6.71 -18.96
C ALA A 19 12.65 5.78 -17.77
N LEU A 20 13.38 6.03 -16.68
CA LEU A 20 13.20 5.26 -15.44
C LEU A 20 11.79 5.47 -14.89
N ALA A 21 11.33 6.72 -14.85
CA ALA A 21 9.98 7.02 -14.39
C ALA A 21 8.93 6.26 -15.19
N LYS A 22 9.09 6.24 -16.52
CA LYS A 22 8.16 5.53 -17.40
C LYS A 22 8.22 4.02 -17.18
N HIS A 23 9.43 3.48 -17.04
CA HIS A 23 9.60 2.06 -16.76
C HIS A 23 8.85 1.67 -15.48
N LEU A 24 9.02 2.47 -14.43
CA LEU A 24 8.37 2.20 -13.17
C LEU A 24 6.85 2.28 -13.30
N TYR A 25 6.36 3.28 -14.01
CA TYR A 25 4.93 3.39 -14.27
C TYR A 25 4.40 2.16 -15.01
N ASP A 26 5.09 1.76 -16.07
CA ASP A 26 4.64 0.62 -16.86
C ASP A 26 4.61 -0.68 -16.03
N SER A 27 5.60 -0.84 -15.16
CA SER A 27 5.67 -2.01 -14.26
C SER A 27 4.56 -1.94 -13.21
N TYR A 28 4.33 -0.75 -12.69
CA TYR A 28 3.26 -0.48 -11.73
C TYR A 28 1.89 -0.88 -12.30
N ILE A 29 1.65 -0.52 -13.56
CA ILE A 29 0.41 -0.89 -14.26
C ILE A 29 0.27 -2.40 -14.43
N LYS A 30 1.37 -3.10 -14.66
CA LYS A 30 1.36 -4.56 -14.79
C LYS A 30 1.16 -5.25 -13.43
N SER A 31 1.72 -4.67 -12.37
CA SER A 31 1.74 -5.29 -11.04
C SER A 31 0.47 -5.06 -10.22
N PHE A 32 -0.17 -3.90 -10.41
CA PHE A 32 -1.34 -3.51 -9.62
C PHE A 32 -2.57 -3.35 -10.53
N PRO A 33 -3.48 -4.35 -10.49
CA PRO A 33 -4.69 -4.35 -11.32
C PRO A 33 -5.56 -3.09 -11.23
N LEU A 34 -5.86 -2.64 -10.01
CA LEU A 34 -6.70 -1.46 -9.82
C LEU A 34 -5.85 -0.23 -9.50
N THR A 35 -5.65 0.61 -10.52
CA THR A 35 -4.85 1.82 -10.40
C THR A 35 -5.69 2.94 -9.78
N LYS A 36 -5.03 4.03 -9.40
CA LYS A 36 -5.74 5.20 -8.88
C LYS A 36 -6.62 5.82 -9.96
N ALA A 37 -6.15 5.78 -11.21
CA ALA A 37 -6.93 6.31 -12.34
C ALA A 37 -8.24 5.55 -12.51
N LYS A 38 -8.16 4.22 -12.52
CA LYS A 38 -9.35 3.35 -12.59
C LYS A 38 -10.24 3.58 -11.36
N ALA A 39 -9.62 3.70 -10.19
CA ALA A 39 -10.35 3.88 -8.94
C ALA A 39 -11.12 5.20 -8.89
N ARG A 40 -10.50 6.29 -9.35
CA ARG A 40 -11.17 7.59 -9.40
C ARG A 40 -12.28 7.61 -10.46
N ALA A 41 -12.11 6.85 -11.53
CA ALA A 41 -13.17 6.69 -12.54
C ALA A 41 -14.41 6.02 -11.95
N ILE A 42 -14.21 5.13 -10.97
CA ILE A 42 -15.30 4.45 -10.29
C ILE A 42 -15.94 5.36 -9.23
N LEU A 43 -15.12 5.92 -8.36
CA LEU A 43 -15.59 6.73 -7.23
C LEU A 43 -16.38 7.97 -7.66
N THR A 44 -15.90 8.64 -8.71
CA THR A 44 -16.56 9.85 -9.23
C THR A 44 -17.76 9.52 -10.13
N GLY A 45 -17.87 8.27 -10.55
CA GLY A 45 -18.99 7.83 -11.40
C GLY A 45 -18.79 8.24 -12.85
N LYS A 46 -17.67 7.84 -13.43
CA LYS A 46 -17.34 8.17 -14.82
C LYS A 46 -17.08 6.94 -15.70
N THR A 47 -17.35 5.74 -15.17
CA THR A 47 -17.05 4.51 -15.89
C THR A 47 -18.30 3.94 -16.57
N THR A 48 -18.10 3.25 -17.68
CA THR A 48 -19.19 2.55 -18.38
C THR A 48 -19.61 1.29 -17.61
N ASP A 49 -18.72 0.79 -16.75
CA ASP A 49 -19.02 -0.33 -15.87
C ASP A 49 -20.13 0.02 -14.88
N LYS A 50 -20.95 -0.96 -14.52
CA LYS A 50 -22.01 -0.77 -13.53
C LYS A 50 -21.44 -0.41 -12.15
N SER A 51 -22.23 0.32 -11.37
CA SER A 51 -21.79 0.85 -10.08
C SER A 51 -21.32 -0.24 -9.12
N PRO A 52 -20.35 0.09 -8.23
CA PRO A 52 -20.01 -0.84 -7.16
C PRO A 52 -21.17 -1.03 -6.19
N PHE A 53 -21.27 -2.23 -5.62
CA PHE A 53 -22.30 -2.51 -4.62
C PHE A 53 -21.91 -1.85 -3.30
N VAL A 54 -22.81 -1.01 -2.77
CA VAL A 54 -22.51 -0.24 -1.56
C VAL A 54 -22.88 -1.02 -0.30
N ILE A 55 -21.92 -1.16 0.60
CA ILE A 55 -22.13 -1.84 1.88
C ILE A 55 -21.98 -0.83 3.01
N TYR A 56 -23.09 -0.54 3.69
CA TYR A 56 -23.12 0.50 4.73
C TYR A 56 -23.65 0.03 6.10
N ASP A 57 -24.10 -1.22 6.18
CA ASP A 57 -24.58 -1.80 7.43
C ASP A 57 -24.58 -3.32 7.36
N MET A 58 -25.07 -3.99 8.40
CA MET A 58 -25.09 -5.45 8.47
C MET A 58 -25.94 -6.05 7.35
N ASN A 59 -27.10 -5.44 7.10
CA ASN A 59 -28.03 -5.92 6.08
C ASN A 59 -27.44 -5.86 4.68
N SER A 60 -26.85 -4.72 4.32
CA SER A 60 -26.25 -4.56 3.00
C SER A 60 -25.01 -5.45 2.82
N LEU A 61 -24.28 -5.69 3.91
CA LEU A 61 -23.14 -6.62 3.89
C LEU A 61 -23.60 -8.03 3.53
N MET A 62 -24.70 -8.46 4.17
CA MET A 62 -25.28 -9.77 3.89
C MET A 62 -25.68 -9.90 2.42
N MET A 63 -26.38 -8.88 1.90
CA MET A 63 -26.88 -8.90 0.53
C MET A 63 -25.74 -8.95 -0.50
N GLY A 64 -24.67 -8.20 -0.23
CA GLY A 64 -23.56 -8.07 -1.18
C GLY A 64 -22.45 -9.10 -1.08
N GLU A 65 -22.66 -10.16 -0.30
CA GLU A 65 -21.64 -11.21 -0.12
C GLU A 65 -21.16 -11.81 -1.44
N ASP A 66 -22.08 -12.06 -2.36
CA ASP A 66 -21.75 -12.64 -3.67
C ASP A 66 -21.15 -11.62 -4.63
N LYS A 67 -21.47 -10.34 -4.45
CA LYS A 67 -20.90 -9.27 -5.27
C LYS A 67 -19.42 -9.04 -4.96
N ILE A 68 -19.03 -9.24 -3.69
CA ILE A 68 -17.67 -8.98 -3.23
C ILE A 68 -16.89 -10.28 -3.05
N GLU A 82 -19.00 -13.75 13.27
CA GLU A 82 -19.24 -12.37 13.64
C GLU A 82 -18.80 -11.43 12.52
N VAL A 83 -19.54 -10.33 12.35
CA VAL A 83 -19.32 -9.41 11.23
C VAL A 83 -17.95 -8.73 11.28
N ALA A 84 -17.62 -8.15 12.43
CA ALA A 84 -16.34 -7.45 12.61
C ALA A 84 -15.15 -8.36 12.32
N ILE A 85 -15.23 -9.60 12.80
CA ILE A 85 -14.18 -10.59 12.56
C ILE A 85 -14.14 -10.99 11.08
N ARG A 86 -15.31 -11.12 10.47
CA ARG A 86 -15.42 -11.48 9.05
C ARG A 86 -14.81 -10.40 8.17
N ILE A 87 -15.05 -9.13 8.50
CA ILE A 87 -14.48 -8.00 7.75
C ILE A 87 -12.97 -7.93 7.93
N PHE A 88 -12.50 -8.18 9.16
CA PHE A 88 -11.08 -8.19 9.45
C PHE A 88 -10.34 -9.27 8.65
N GLN A 89 -10.95 -10.46 8.54
CA GLN A 89 -10.39 -11.54 7.73
C GLN A 89 -10.33 -11.16 6.25
N GLY A 90 -11.35 -10.44 5.79
CA GLY A 90 -11.36 -9.90 4.42
C GLY A 90 -10.19 -8.96 4.18
N CYS A 91 -9.94 -8.08 5.13
CA CYS A 91 -8.78 -7.18 5.07
C CYS A 91 -7.47 -7.97 5.01
N GLN A 92 -7.38 -9.06 5.78
CA GLN A 92 -6.21 -9.93 5.76
C GLN A 92 -5.96 -10.55 4.39
N PHE A 93 -7.03 -11.10 3.80
CA PHE A 93 -6.92 -11.74 2.49
C PHE A 93 -6.46 -10.75 1.42
N ARG A 94 -7.00 -9.54 1.43
CA ARG A 94 -6.57 -8.50 0.49
C ARG A 94 -5.12 -8.09 0.75
N SER A 95 -4.74 -7.96 2.02
CA SER A 95 -3.37 -7.61 2.37
C SER A 95 -2.38 -8.64 1.85
N VAL A 96 -2.71 -9.91 1.99
CA VAL A 96 -1.88 -11.00 1.47
C VAL A 96 -1.73 -10.89 -0.05
N GLU A 97 -2.84 -10.58 -0.73
CA GLU A 97 -2.81 -10.37 -2.17
C GLU A 97 -1.94 -9.17 -2.53
N ALA A 98 -2.08 -8.10 -1.75
CA ALA A 98 -1.32 -6.88 -1.99
C ALA A 98 0.18 -7.06 -1.77
N VAL A 99 0.55 -7.83 -0.75
CA VAL A 99 1.97 -8.12 -0.50
C VAL A 99 2.61 -8.78 -1.73
N GLN A 100 1.87 -9.70 -2.36
CA GLN A 100 2.37 -10.39 -3.55
C GLN A 100 2.49 -9.46 -4.76
N GLU A 101 1.54 -8.54 -4.91
CA GLU A 101 1.60 -7.52 -5.96
C GLU A 101 2.81 -6.60 -5.76
N ILE A 102 3.01 -6.17 -4.52
CA ILE A 102 4.13 -5.29 -4.17
C ILE A 102 5.46 -5.99 -4.41
N THR A 103 5.55 -7.28 -4.06
CA THR A 103 6.75 -8.07 -4.32
C THR A 103 7.09 -8.12 -5.81
N GLU A 104 6.09 -8.35 -6.65
CA GLU A 104 6.31 -8.37 -8.09
C GLU A 104 6.78 -7.01 -8.60
N TYR A 105 6.19 -5.95 -8.07
CA TYR A 105 6.61 -4.61 -8.44
C TYR A 105 8.06 -4.34 -8.01
N ALA A 106 8.40 -4.72 -6.79
CA ALA A 106 9.75 -4.52 -6.27
C ALA A 106 10.79 -5.18 -7.19
N LYS A 107 10.48 -6.38 -7.66
CA LYS A 107 11.37 -7.12 -8.54
C LYS A 107 11.60 -6.45 -9.91
N SER A 108 10.74 -5.50 -10.27
CA SER A 108 10.90 -4.74 -11.51
C SER A 108 11.77 -3.48 -11.34
N ILE A 109 12.11 -3.13 -10.10
CA ILE A 109 12.92 -1.94 -9.83
C ILE A 109 14.37 -2.26 -10.18
N PRO A 110 14.97 -1.49 -11.11
CA PRO A 110 16.33 -1.81 -11.52
C PRO A 110 17.30 -1.98 -10.34
N GLY A 111 18.01 -3.11 -10.32
CA GLY A 111 18.97 -3.40 -9.26
C GLY A 111 18.44 -4.23 -8.09
N PHE A 112 17.13 -4.26 -7.91
CA PHE A 112 16.53 -4.89 -6.73
C PHE A 112 16.84 -6.39 -6.65
N VAL A 113 16.63 -7.12 -7.74
CA VAL A 113 16.82 -8.58 -7.73
C VAL A 113 18.30 -8.99 -7.62
N ASN A 114 19.21 -8.04 -7.86
CA ASN A 114 20.65 -8.28 -7.68
C ASN A 114 21.13 -8.03 -6.25
N LEU A 115 20.29 -7.46 -5.40
CA LEU A 115 20.63 -7.31 -3.98
C LEU A 115 20.71 -8.68 -3.31
N ASP A 116 21.51 -8.76 -2.24
CA ASP A 116 21.49 -9.92 -1.36
C ASP A 116 20.05 -10.30 -1.08
N LEU A 117 19.72 -11.59 -1.22
CA LEU A 117 18.34 -12.06 -1.10
C LEU A 117 17.72 -11.77 0.27
N ASN A 118 18.53 -11.87 1.32
CA ASN A 118 18.05 -11.56 2.67
C ASN A 118 17.72 -10.07 2.83
N ASP A 119 18.47 -9.22 2.14
CA ASP A 119 18.16 -7.78 2.13
C ASP A 119 16.86 -7.50 1.36
N GLN A 120 16.63 -8.23 0.27
CA GLN A 120 15.35 -8.12 -0.46
C GLN A 120 14.19 -8.45 0.47
N VAL A 121 14.33 -9.53 1.24
CA VAL A 121 13.31 -9.92 2.21
C VAL A 121 13.10 -8.80 3.25
N THR A 122 14.19 -8.25 3.76
CA THR A 122 14.12 -7.19 4.76
C THR A 122 13.41 -5.94 4.23
N LEU A 123 13.73 -5.56 3.00
CA LEU A 123 13.09 -4.39 2.39
C LEU A 123 11.58 -4.59 2.24
N LEU A 124 11.14 -5.78 1.86
CA LEU A 124 9.70 -6.06 1.75
C LEU A 124 9.04 -6.12 3.13
N LYS A 125 9.67 -6.83 4.06
CA LYS A 125 9.15 -6.98 5.42
C LYS A 125 8.77 -5.63 6.05
N TYR A 126 9.68 -4.67 5.95
CA TYR A 126 9.49 -3.34 6.56
C TYR A 126 8.79 -2.36 5.64
N GLY A 127 8.71 -2.69 4.35
CA GLY A 127 8.15 -1.78 3.35
C GLY A 127 6.68 -2.00 3.04
N VAL A 128 6.24 -3.26 3.01
CA VAL A 128 4.93 -3.58 2.45
C VAL A 128 3.74 -2.84 3.08
N HIS A 129 3.69 -2.75 4.41
CA HIS A 129 2.56 -2.10 5.06
C HIS A 129 2.55 -0.58 4.88
N GLU A 130 3.73 0.03 4.77
CA GLU A 130 3.80 1.45 4.40
C GLU A 130 3.21 1.65 3.01
N ILE A 131 3.51 0.73 2.09
CA ILE A 131 3.00 0.81 0.72
C ILE A 131 1.50 0.51 0.67
N ILE A 132 1.03 -0.41 1.51
CA ILE A 132 -0.40 -0.71 1.55
C ILE A 132 -1.21 0.49 2.05
N TYR A 133 -0.71 1.18 3.08
CA TYR A 133 -1.33 2.45 3.52
C TYR A 133 -1.43 3.44 2.36
N THR A 134 -0.35 3.55 1.60
CA THR A 134 -0.28 4.46 0.46
C THR A 134 -1.28 4.09 -0.63
N MET A 135 -1.32 2.80 -0.96
CA MET A 135 -2.14 2.34 -2.09
C MET A 135 -3.63 2.22 -1.73
N LEU A 136 -3.93 1.96 -0.46
CA LEU A 136 -5.31 2.05 0.02
C LEU A 136 -5.91 3.44 -0.23
N ALA A 137 -5.09 4.48 -0.03
CA ALA A 137 -5.53 5.86 -0.28
C ALA A 137 -6.09 6.04 -1.69
N SER A 138 -5.45 5.38 -2.68
CA SER A 138 -5.91 5.43 -4.07
C SER A 138 -7.34 4.94 -4.25
N LEU A 139 -7.78 4.03 -3.37
CA LEU A 139 -9.09 3.42 -3.44
C LEU A 139 -10.10 4.04 -2.48
N MET A 140 -9.70 5.12 -1.81
CA MET A 140 -10.52 5.73 -0.75
C MET A 140 -10.91 7.16 -1.07
N ASN A 141 -12.12 7.53 -0.63
CA ASN A 141 -12.47 8.93 -0.44
C ASN A 141 -12.88 9.12 1.02
N LYS A 142 -13.37 10.31 1.37
CA LYS A 142 -13.82 10.58 2.73
C LYS A 142 -14.99 9.69 3.17
N ASP A 143 -15.72 9.12 2.21
CA ASP A 143 -16.94 8.36 2.49
C ASP A 143 -16.76 6.83 2.54
N GLY A 144 -15.69 6.30 1.94
CA GLY A 144 -15.48 4.85 1.95
C GLY A 144 -14.35 4.33 1.10
N VAL A 145 -14.27 3.00 0.98
CA VAL A 145 -13.18 2.32 0.28
C VAL A 145 -13.70 1.32 -0.76
N LEU A 146 -13.08 1.33 -1.93
CA LEU A 146 -13.39 0.34 -2.96
C LEU A 146 -12.76 -1.00 -2.60
N ILE A 147 -13.56 -2.07 -2.72
CA ILE A 147 -13.09 -3.42 -2.45
C ILE A 147 -13.44 -4.36 -3.61
N SER A 148 -12.78 -5.52 -3.65
CA SER A 148 -13.03 -6.53 -4.67
C SER A 148 -12.83 -5.98 -6.08
N GLU A 149 -11.66 -5.38 -6.32
CA GLU A 149 -11.31 -4.77 -7.61
C GLU A 149 -12.35 -3.75 -8.08
N GLY A 150 -12.91 -2.98 -7.14
CA GLY A 150 -13.88 -1.94 -7.44
C GLY A 150 -15.31 -2.42 -7.66
N GLN A 151 -15.58 -3.69 -7.36
CA GLN A 151 -16.94 -4.25 -7.50
C GLN A 151 -17.79 -3.96 -6.26
N GLY A 152 -17.14 -3.61 -5.15
CA GLY A 152 -17.83 -3.21 -3.93
C GLY A 152 -17.31 -1.90 -3.38
N PHE A 153 -18.14 -1.24 -2.56
CA PHE A 153 -17.75 -0.01 -1.88
C PHE A 153 -18.27 -0.06 -0.46
N MET A 154 -17.35 -0.17 0.50
CA MET A 154 -17.71 -0.24 1.91
C MET A 154 -17.50 1.13 2.55
N THR A 155 -18.52 1.63 3.25
CA THR A 155 -18.47 2.98 3.80
C THR A 155 -17.54 3.09 5.01
N ARG A 156 -16.90 4.24 5.14
CA ARG A 156 -15.99 4.54 6.25
C ARG A 156 -16.70 4.42 7.60
N GLU A 157 -17.93 4.90 7.66
CA GLU A 157 -18.69 4.90 8.92
C GLU A 157 -19.12 3.50 9.35
N PHE A 158 -19.42 2.62 8.39
CA PHE A 158 -19.69 1.22 8.71
C PHE A 158 -18.46 0.57 9.34
N LEU A 159 -17.29 0.82 8.73
CA LEU A 159 -16.03 0.28 9.24
C LEU A 159 -15.63 0.88 10.58
N LYS A 160 -15.83 2.18 10.75
CA LYS A 160 -15.53 2.86 12.02
C LYS A 160 -16.47 2.40 13.13
N SER A 161 -17.70 2.05 12.76
CA SER A 161 -18.72 1.61 13.73
C SER A 161 -18.52 0.18 14.23
N LEU A 162 -17.64 -0.58 13.58
CA LEU A 162 -17.34 -1.94 14.01
C LEU A 162 -16.85 -1.93 15.45
N ARG A 163 -17.28 -2.92 16.23
CA ARG A 163 -16.99 -2.94 17.67
C ARG A 163 -15.50 -2.90 17.96
N LYS A 164 -15.15 -2.42 19.15
CA LYS A 164 -13.76 -2.39 19.59
C LYS A 164 -13.24 -3.82 19.69
N PRO A 165 -11.97 -4.06 19.31
CA PRO A 165 -10.98 -3.11 18.84
C PRO A 165 -10.87 -3.01 17.30
N PHE A 166 -11.90 -3.41 16.57
CA PHE A 166 -11.83 -3.46 15.10
C PHE A 166 -12.08 -2.11 14.43
N GLY A 167 -13.01 -1.32 14.98
CA GLY A 167 -13.30 0.01 14.45
C GLY A 167 -12.09 0.92 14.38
N ASP A 168 -11.30 0.92 15.45
CA ASP A 168 -10.10 1.75 15.54
C ASP A 168 -8.93 1.22 14.71
N PHE A 169 -9.03 -0.03 14.24
CA PHE A 169 -8.05 -0.60 13.30
C PHE A 169 -8.28 -0.06 11.90
N MET A 170 -9.55 0.18 11.54
CA MET A 170 -9.92 0.61 10.19
C MET A 170 -9.71 2.11 9.98
N GLU A 171 -10.09 2.92 10.98
CA GLU A 171 -10.17 4.38 10.82
C GLU A 171 -8.86 5.08 10.45
N PRO A 172 -7.72 4.67 11.05
CA PRO A 172 -6.44 5.32 10.71
C PRO A 172 -6.07 5.27 9.23
N LYS A 173 -6.53 4.26 8.51
CA LYS A 173 -6.26 4.13 7.07
C LYS A 173 -6.97 5.23 6.30
N PHE A 174 -8.19 5.56 6.72
CA PHE A 174 -8.95 6.67 6.13
C PHE A 174 -8.36 8.03 6.53
N GLU A 175 -7.94 8.15 7.78
CA GLU A 175 -7.33 9.40 8.27
C GLU A 175 -6.08 9.75 7.47
N PHE A 176 -5.24 8.75 7.19
CA PHE A 176 -4.08 8.96 6.34
C PHE A 176 -4.49 9.28 4.91
N ALA A 177 -5.44 8.51 4.37
CA ALA A 177 -5.89 8.69 2.99
C ALA A 177 -6.37 10.10 2.68
N VAL A 178 -7.15 10.69 3.60
CA VAL A 178 -7.67 12.04 3.42
C VAL A 178 -6.54 13.06 3.31
N LYS A 179 -5.54 12.94 4.18
CA LYS A 179 -4.40 13.85 4.14
C LYS A 179 -3.52 13.60 2.90
N PHE A 180 -3.26 12.34 2.59
CA PHE A 180 -2.39 11.97 1.47
C PHE A 180 -3.01 12.30 0.12
N ASN A 181 -4.31 12.05 -0.02
CA ASN A 181 -5.02 12.35 -1.28
C ASN A 181 -5.13 13.85 -1.57
N ALA A 182 -5.00 14.68 -0.54
CA ALA A 182 -4.95 16.13 -0.73
C ALA A 182 -3.74 16.56 -1.56
N LEU A 183 -2.72 15.71 -1.63
CA LEU A 183 -1.54 15.99 -2.45
C LEU A 183 -1.79 15.79 -3.95
N GLU A 184 -2.86 15.08 -4.29
CA GLU A 184 -3.32 14.90 -5.69
C GLU A 184 -2.28 14.22 -6.58
N LEU A 185 -1.58 13.22 -6.04
CA LEU A 185 -0.63 12.45 -6.84
C LEU A 185 -1.38 11.58 -7.84
N ASP A 186 -0.77 11.32 -8.99
CA ASP A 186 -1.31 10.37 -9.95
C ASP A 186 -0.48 9.09 -9.95
N ASP A 187 -0.89 8.11 -10.75
CA ASP A 187 -0.22 6.81 -10.79
C ASP A 187 1.26 6.92 -11.16
N SER A 188 1.59 7.84 -12.07
CA SER A 188 2.98 8.07 -12.46
C SER A 188 3.83 8.55 -11.29
N ASP A 189 3.28 9.45 -10.47
CA ASP A 189 3.95 9.92 -9.26
C ASP A 189 4.11 8.77 -8.26
N LEU A 190 3.02 8.06 -8.02
CA LEU A 190 2.98 6.99 -7.03
C LEU A 190 3.96 5.84 -7.32
N ALA A 191 4.10 5.48 -8.59
CA ALA A 191 5.05 4.42 -8.96
C ALA A 191 6.44 4.71 -8.41
N ILE A 192 6.91 5.95 -8.57
CA ILE A 192 8.25 6.33 -8.11
C ILE A 192 8.31 6.46 -6.58
N PHE A 193 7.26 7.06 -6.00
CA PHE A 193 7.16 7.21 -4.55
C PHE A 193 7.24 5.86 -3.84
N ILE A 194 6.50 4.88 -4.35
CA ILE A 194 6.50 3.53 -3.80
C ILE A 194 7.89 2.88 -3.94
N ALA A 195 8.53 3.06 -5.09
CA ALA A 195 9.87 2.51 -5.32
C ALA A 195 10.89 3.08 -4.33
N VAL A 196 10.82 4.39 -4.08
CA VAL A 196 11.71 5.04 -3.12
C VAL A 196 11.53 4.44 -1.72
N ILE A 197 10.28 4.21 -1.33
CA ILE A 197 9.99 3.63 -0.01
C ILE A 197 10.56 2.22 0.13
N ILE A 198 10.39 1.41 -0.90
CA ILE A 198 10.89 0.03 -0.86
C ILE A 198 12.42 0.01 -0.70
N LEU A 199 13.11 0.87 -1.44
CA LEU A 199 14.57 0.91 -1.43
C LEU A 199 15.10 1.82 -0.31
N SER A 200 14.66 1.57 0.92
CA SER A 200 15.10 2.35 2.08
C SER A 200 16.30 1.65 2.73
N GLY A 201 17.46 2.31 2.72
CA GLY A 201 18.70 1.72 3.23
C GLY A 201 18.82 1.65 4.74
N ASP A 202 17.86 2.22 5.47
CA ASP A 202 17.91 2.23 6.94
C ASP A 202 16.89 1.31 7.61
N ARG A 203 16.42 0.30 6.88
CA ARG A 203 15.58 -0.74 7.49
C ARG A 203 16.45 -1.54 8.46
N PRO A 204 15.88 -1.94 9.62
CA PRO A 204 16.64 -2.75 10.56
C PRO A 204 17.16 -4.06 9.97
N GLY A 205 18.44 -4.35 10.22
CA GLY A 205 19.01 -5.65 9.86
C GLY A 205 19.52 -5.81 8.44
N LEU A 206 19.56 -4.73 7.67
CA LEU A 206 20.13 -4.78 6.32
C LEU A 206 21.63 -5.06 6.41
N LEU A 207 22.11 -5.90 5.49
CA LEU A 207 23.52 -6.33 5.50
C LEU A 207 24.41 -5.44 4.63
N ASN A 208 23.93 -5.11 3.43
CA ASN A 208 24.68 -4.29 2.48
C ASN A 208 23.91 -3.02 2.17
N VAL A 209 24.22 -1.95 2.91
CA VAL A 209 23.43 -0.73 2.86
C VAL A 209 23.69 0.12 1.61
N LYS A 210 24.95 0.28 1.24
CA LYS A 210 25.31 1.20 0.15
C LYS A 210 24.61 0.92 -1.19
N PRO A 211 24.57 -0.35 -1.64
CA PRO A 211 23.89 -0.59 -2.93
C PRO A 211 22.41 -0.17 -2.92
N ILE A 212 21.77 -0.30 -1.77
CA ILE A 212 20.37 0.12 -1.61
C ILE A 212 20.27 1.64 -1.63
N GLU A 213 21.15 2.31 -0.87
CA GLU A 213 21.20 3.77 -0.85
C GLU A 213 21.45 4.38 -2.23
N ASP A 214 22.34 3.75 -3.00
CA ASP A 214 22.66 4.21 -4.35
C ASP A 214 21.45 4.12 -5.28
N ILE A 215 20.69 3.02 -5.19
CA ILE A 215 19.47 2.87 -5.97
C ILE A 215 18.45 3.91 -5.53
N GLN A 216 18.30 4.09 -4.22
CA GLN A 216 17.32 5.07 -3.72
C GLN A 216 17.67 6.49 -4.13
N ASP A 217 18.96 6.84 -4.09
CA ASP A 217 19.39 8.17 -4.51
C ASP A 217 18.95 8.47 -5.94
N ASN A 218 19.09 7.49 -6.83
CA ASN A 218 18.66 7.67 -8.22
C ASN A 218 17.14 7.75 -8.34
N LEU A 219 16.43 6.91 -7.58
CA LEU A 219 14.96 6.95 -7.56
C LEU A 219 14.46 8.28 -7.02
N LEU A 220 15.15 8.83 -6.02
CA LEU A 220 14.80 10.14 -5.46
C LEU A 220 14.99 11.26 -6.49
N GLN A 221 16.04 11.17 -7.29
CA GLN A 221 16.26 12.13 -8.38
C GLN A 221 15.12 12.01 -9.40
N ALA A 222 14.74 10.78 -9.73
CA ALA A 222 13.64 10.56 -10.67
C ALA A 222 12.32 11.12 -10.12
N LEU A 223 12.10 10.95 -8.82
CA LEU A 223 10.89 11.46 -8.17
C LEU A 223 10.86 13.00 -8.18
N GLU A 224 11.99 13.63 -7.86
CA GLU A 224 12.05 15.09 -7.83
C GLU A 224 11.70 15.66 -9.20
N LEU A 225 12.30 15.10 -10.25
CA LEU A 225 12.04 15.56 -11.63
C LEU A 225 10.59 15.29 -12.06
N GLN A 226 10.08 14.11 -11.72
CA GLN A 226 8.68 13.78 -11.96
C GLN A 226 7.75 14.85 -11.37
N LEU A 227 7.97 15.20 -10.11
CA LEU A 227 7.12 16.17 -9.44
C LEU A 227 7.28 17.59 -9.98
N LYS A 228 8.50 17.96 -10.37
CA LYS A 228 8.74 19.28 -10.98
C LYS A 228 8.01 19.44 -12.31
N LEU A 229 7.98 18.38 -13.11
CA LEU A 229 7.33 18.41 -14.42
C LEU A 229 5.82 18.20 -14.33
N ASN A 230 5.38 17.28 -13.48
CA ASN A 230 3.98 16.88 -13.39
C ASN A 230 3.15 17.79 -12.48
N HIS A 231 3.82 18.45 -11.53
CA HIS A 231 3.17 19.39 -10.60
C HIS A 231 3.98 20.68 -10.50
N PRO A 232 4.13 21.41 -11.62
CA PRO A 232 4.99 22.59 -11.65
C PRO A 232 4.56 23.71 -10.69
N GLU A 233 3.27 23.78 -10.37
CA GLU A 233 2.74 24.82 -9.50
C GLU A 233 2.74 24.42 -8.01
N SER A 234 3.38 23.30 -7.68
CA SER A 234 3.46 22.83 -6.29
C SER A 234 4.90 22.47 -5.94
N SER A 235 5.73 23.50 -5.79
CA SER A 235 7.16 23.33 -5.45
C SER A 235 7.39 22.51 -4.18
N GLN A 236 6.44 22.60 -3.25
CA GLN A 236 6.52 21.97 -1.94
C GLN A 236 6.32 20.44 -1.95
N LEU A 237 5.85 19.88 -3.06
CA LEU A 237 5.38 18.50 -3.07
C LEU A 237 6.47 17.47 -2.74
N PHE A 238 7.68 17.63 -3.30
CA PHE A 238 8.76 16.68 -3.05
C PHE A 238 9.11 16.63 -1.56
N ALA A 239 9.29 17.80 -0.95
CA ALA A 239 9.61 17.88 0.47
C ALA A 239 8.50 17.27 1.33
N LYS A 240 7.25 17.52 0.95
CA LYS A 240 6.12 16.96 1.67
C LYS A 240 6.09 15.44 1.57
N LEU A 241 6.35 14.90 0.38
CA LEU A 241 6.40 13.44 0.21
C LEU A 241 7.53 12.79 1.01
N LEU A 242 8.69 13.44 1.09
CA LEU A 242 9.78 12.94 1.94
C LEU A 242 9.31 12.85 3.39
N GLN A 243 8.56 13.85 3.85
CA GLN A 243 8.00 13.81 5.20
C GLN A 243 6.95 12.71 5.36
N LYS A 244 6.15 12.46 4.32
CA LYS A 244 5.15 11.39 4.37
C LYS A 244 5.81 10.02 4.52
N MET A 245 6.99 9.84 3.94
CA MET A 245 7.74 8.59 4.08
C MET A 245 8.12 8.39 5.55
N THR A 246 8.50 9.48 6.22
CA THR A 246 8.78 9.45 7.65
C THR A 246 7.52 9.19 8.48
N ASP A 247 6.44 9.88 8.12
CA ASP A 247 5.15 9.71 8.82
C ASP A 247 4.65 8.28 8.74
N LEU A 248 4.82 7.65 7.57
CA LEU A 248 4.36 6.27 7.36
C LEU A 248 5.00 5.26 8.31
N ARG A 249 6.22 5.54 8.76
CA ARG A 249 6.89 4.66 9.73
C ARG A 249 6.19 4.71 11.08
N GLN A 250 5.80 5.91 11.50
CA GLN A 250 5.13 6.08 12.78
C GLN A 250 3.70 5.54 12.67
N ILE A 251 3.10 5.72 11.50
CA ILE A 251 1.76 5.20 11.22
C ILE A 251 1.73 3.66 11.26
N VAL A 252 2.74 3.02 10.67
CA VAL A 252 2.81 1.56 10.65
C VAL A 252 3.14 0.97 12.02
N THR A 253 3.94 1.68 12.83
CA THR A 253 4.20 1.23 14.20
C THR A 253 2.90 1.19 15.00
N GLU A 254 2.08 2.24 14.85
CA GLU A 254 0.76 2.29 15.49
C GLU A 254 -0.15 1.19 14.97
N HIS A 255 -0.09 0.92 13.66
CA HIS A 255 -0.84 -0.16 13.03
C HIS A 255 -0.50 -1.51 13.67
N VAL A 256 0.79 -1.74 13.92
CA VAL A 256 1.25 -2.96 14.57
C VAL A 256 0.75 -3.06 16.01
N GLN A 257 0.66 -1.92 16.69
CA GLN A 257 0.13 -1.86 18.06
C GLN A 257 -1.36 -2.18 18.08
N LEU A 258 -2.11 -1.59 17.14
CA LEU A 258 -3.55 -1.84 17.01
C LEU A 258 -3.85 -3.31 16.70
N LEU A 259 -2.92 -3.97 16.00
CA LEU A 259 -3.04 -5.39 15.69
C LEU A 259 -2.86 -6.26 16.94
N GLN A 260 -2.06 -5.80 17.89
CA GLN A 260 -1.85 -6.50 19.16
C GLN A 260 -3.06 -6.40 20.08
N VAL A 261 -3.77 -5.28 20.03
CA VAL A 261 -5.04 -5.14 20.76
C VAL A 261 -6.05 -6.17 20.24
N ILE A 262 -5.96 -6.47 18.94
CA ILE A 262 -6.80 -7.51 18.33
C ILE A 262 -6.26 -8.91 18.63
N LYS A 263 -5.07 -9.21 18.12
CA LYS A 263 -4.51 -10.57 18.18
C LYS A 263 -4.40 -11.12 19.60
N LYS A 264 -3.96 -10.27 20.52
CA LYS A 264 -3.74 -10.70 21.91
C LYS A 264 -5.05 -10.92 22.66
N THR A 265 -6.07 -10.12 22.34
CA THR A 265 -7.34 -10.16 23.08
C THR A 265 -8.40 -11.06 22.42
N GLU A 266 -8.43 -11.08 21.09
CA GLU A 266 -9.40 -11.90 20.35
C GLU A 266 -8.93 -13.36 20.31
N THR A 267 -9.69 -14.24 20.96
CA THR A 267 -9.28 -15.64 21.16
C THR A 267 -9.28 -16.47 19.87
N ASP A 268 -10.30 -16.29 19.05
CA ASP A 268 -10.46 -17.07 17.81
C ASP A 268 -9.87 -16.38 16.57
N MET A 269 -9.01 -15.38 16.80
CA MET A 269 -8.42 -14.62 15.71
C MET A 269 -7.22 -15.36 15.12
N SER A 270 -7.24 -15.57 13.82
CA SER A 270 -6.16 -16.27 13.12
C SER A 270 -5.50 -15.34 12.11
N LEU A 271 -4.17 -15.31 12.14
CA LEU A 271 -3.39 -14.50 11.19
C LEU A 271 -2.86 -15.39 10.07
N HIS A 272 -2.97 -14.89 8.84
CA HIS A 272 -2.45 -15.59 7.66
C HIS A 272 -0.93 -15.77 7.79
N PRO A 273 -0.40 -16.96 7.43
CA PRO A 273 1.03 -17.26 7.59
C PRO A 273 1.99 -16.21 7.02
N LEU A 274 1.66 -15.68 5.84
CA LEU A 274 2.47 -14.62 5.23
C LEU A 274 2.53 -13.37 6.12
N LEU A 275 1.39 -13.00 6.69
CA LEU A 275 1.32 -11.85 7.58
C LEU A 275 2.04 -12.12 8.91
N GLN A 276 1.88 -13.34 9.43
CA GLN A 276 2.59 -13.75 10.65
C GLN A 276 4.10 -13.62 10.47
N GLU A 277 4.59 -13.99 9.29
CA GLU A 277 6.01 -13.89 8.95
C GLU A 277 6.48 -12.43 8.91
N ILE A 278 5.68 -11.57 8.30
CA ILE A 278 6.05 -10.16 8.17
C ILE A 278 6.06 -9.45 9.52
N TYR A 279 5.05 -9.72 10.34
CA TYR A 279 4.94 -9.08 11.67
C TYR A 279 5.92 -9.63 12.71
N LYS A 280 6.40 -10.86 12.51
CA LYS A 280 7.32 -11.49 13.47
C LYS A 280 8.66 -10.77 13.48
N ASP A 281 9.07 -10.31 14.67
CA ASP A 281 10.33 -9.59 14.86
C ASP A 281 10.42 -8.31 14.02
N LEU A 282 9.28 -7.67 13.79
CA LEU A 282 9.24 -6.39 13.08
C LEU A 282 9.56 -5.28 14.09
N TYR A 283 10.73 -4.67 13.93
CA TYR A 283 11.30 -3.72 14.91
C TYR A 283 11.58 -4.41 16.25
N PRO B 6 15.01 -19.45 4.81
CA PRO B 6 13.81 -20.15 4.35
C PRO B 6 12.53 -19.48 4.82
N SER B 7 11.79 -18.90 3.89
CA SER B 7 10.59 -18.12 4.25
C SER B 7 9.66 -17.93 3.05
N LEU B 8 8.43 -17.50 3.33
CA LEU B 8 7.44 -17.25 2.29
C LEU B 8 7.82 -16.05 1.42
N LEU B 9 8.32 -14.99 2.03
CA LEU B 9 8.81 -13.82 1.28
C LEU B 9 9.94 -14.21 0.33
N LYS B 10 10.85 -15.06 0.81
CA LYS B 10 11.96 -15.53 -0.02
C LYS B 10 11.44 -16.33 -1.22
N LYS B 11 10.43 -17.18 -0.99
CA LYS B 11 9.84 -17.97 -2.07
C LYS B 11 9.16 -17.09 -3.13
N LEU B 12 8.44 -16.07 -2.68
CA LEU B 12 7.82 -15.11 -3.60
C LEU B 12 8.87 -14.34 -4.40
N LEU B 13 9.98 -13.99 -3.75
CA LEU B 13 11.06 -13.26 -4.40
C LEU B 13 11.79 -14.07 -5.47
N LEU B 14 11.88 -15.38 -5.27
CA LEU B 14 12.65 -16.25 -6.16
C LEU B 14 11.88 -16.75 -7.39
N ALA B 15 10.55 -16.65 -7.34
CA ALA B 15 9.69 -17.10 -8.43
C ALA B 15 9.82 -16.17 -9.64
N PRO B 16 10.27 -16.69 -10.80
CA PRO B 16 10.37 -15.85 -11.99
C PRO B 16 9.01 -15.49 -12.59
#